data_6QY9
#
_entry.id   6QY9
#
_cell.length_a   72.579
_cell.length_b   59.460
_cell.length_c   83.080
_cell.angle_alpha   90.00
_cell.angle_beta   93.64
_cell.angle_gamma   90.00
#
_symmetry.space_group_name_H-M   'C 1 2 1'
#
loop_
_entity.id
_entity.type
_entity.pdbx_description
1 polymer "Casein kinase II subunit alpha'"
2 non-polymer 3-[3-[2-[(3,4,5-trimethoxyphenyl)amino]pyrrolo[2,3-d]pyrimidin-7-yl]phenyl]propanenitrile
3 non-polymer 1,2-ETHANEDIOL
4 non-polymer 'CHLORIDE ION'
5 water water
#
_entity_poly.entity_id   1
_entity_poly.type   'polypeptide(L)'
_entity_poly.pdbx_seq_one_letter_code
;SMPGPAAGSRARVYAEVNSLRSREYWDYEAHVPSWGNQDDYQLVRKLGRGKYSEVFEAINITNNERVVVKILKPVKKKKI
KREVKILENLRGGTNIIKLIDTVKDPVSKTPALVFEYINNTDFKQLYQILTDFDIRFYMYELLKALDYCHSKGIMHRDVK
PHNVMIDHQQKKLRLIDWGLAEFYHPAQEYNVRVASRYFKGPELLVDYQMYDYSLDMWSLGCMLASMIFRREPFFHGQDN
YDQLVRIAKVLGTEELYGYLKKYHIDLDPHFNDILGQHSRKRWENFIHSENRHLVSPEALDLLDKLLRYDHQQRLTAKEA
MEHPYFYPVVKEQSQP
;
_entity_poly.pdbx_strand_id   A
#
# COMPACT_ATOMS: atom_id res chain seq x y z
N GLY A 8 5.39 -7.37 23.21
CA GLY A 8 5.08 -6.05 22.58
C GLY A 8 5.94 -5.83 21.34
N SER A 9 5.59 -4.79 20.57
CA SER A 9 6.26 -4.45 19.35
C SER A 9 6.21 -2.94 19.15
N ARG A 10 7.27 -2.40 18.55
CA ARG A 10 7.41 -0.95 18.23
C ARG A 10 8.06 -0.84 16.84
N ALA A 11 7.64 0.16 16.06
CA ALA A 11 8.31 0.44 14.80
C ALA A 11 9.79 0.75 15.07
N ARG A 12 10.66 0.30 14.15
CA ARG A 12 12.11 0.62 14.23
C ARG A 12 12.44 2.04 13.77
N VAL A 13 11.53 2.66 13.00
CA VAL A 13 11.71 4.02 12.51
C VAL A 13 10.43 4.78 12.75
N TYR A 14 10.57 6.10 12.89
CA TYR A 14 9.44 7.01 12.90
C TYR A 14 8.45 6.69 14.04
N ALA A 15 8.95 6.12 15.14
CA ALA A 15 8.03 5.64 16.15
C ALA A 15 7.36 6.79 16.89
N GLU A 16 8.08 7.90 17.07
CA GLU A 16 7.68 8.98 17.97
C GLU A 16 7.14 10.18 17.18
N VAL A 17 7.00 10.06 15.86
CA VAL A 17 6.66 11.17 14.97
C VAL A 17 5.45 11.93 15.52
N ASN A 18 4.37 11.21 15.75
CA ASN A 18 3.11 11.84 16.08
C ASN A 18 3.14 12.50 17.46
N SER A 19 3.82 11.87 18.42
CA SER A 19 3.82 12.41 19.79
C SER A 19 4.61 13.72 19.83
N LEU A 20 5.52 13.92 18.90
CA LEU A 20 6.36 15.12 18.83
C LEU A 20 5.65 16.27 18.10
N ARG A 21 4.52 15.99 17.46
CA ARG A 21 3.77 16.99 16.74
C ARG A 21 2.64 17.52 17.64
N SER A 22 2.08 18.66 17.23
CA SER A 22 0.89 19.20 17.84
C SER A 22 -0.21 18.14 17.83
N ARG A 23 -1.06 18.13 18.84
CA ARG A 23 -2.18 17.21 18.90
C ARG A 23 -3.06 17.38 17.64
N GLU A 24 -3.24 18.61 17.16
CA GLU A 24 -4.07 18.92 15.97
C GLU A 24 -3.66 18.04 14.76
N TYR A 25 -2.40 17.68 14.70
CA TYR A 25 -1.87 16.94 13.56
C TYR A 25 -2.52 15.55 13.45
N TRP A 26 -2.61 14.84 14.57
CA TRP A 26 -3.07 13.47 14.58
C TRP A 26 -4.51 13.30 15.09
N ASP A 27 -5.08 14.36 15.71
CA ASP A 27 -6.40 14.28 16.32
C ASP A 27 -7.46 14.54 15.25
N TYR A 28 -7.63 13.57 14.37
CA TYR A 28 -8.44 13.80 13.17
C TYR A 28 -9.91 14.05 13.50
N GLU A 29 -10.41 13.51 14.62
CA GLU A 29 -11.81 13.68 15.01
C GLU A 29 -12.14 15.16 15.18
N ALA A 30 -11.14 15.98 15.52
CA ALA A 30 -11.31 17.42 15.75
C ALA A 30 -11.20 18.21 14.42
N HIS A 31 -10.79 17.55 13.33
CA HIS A 31 -10.66 18.22 12.05
C HIS A 31 -12.07 18.54 11.53
N VAL A 32 -12.22 19.74 10.98
CA VAL A 32 -13.48 20.17 10.39
C VAL A 32 -13.22 20.53 8.93
N PRO A 33 -13.55 19.64 7.97
CA PRO A 33 -13.43 20.01 6.56
C PRO A 33 -14.45 21.11 6.20
N SER A 34 -14.10 21.91 5.19
CA SER A 34 -14.95 22.87 4.55
C SER A 34 -15.46 22.25 3.23
N TRP A 35 -16.76 21.99 3.16
CA TRP A 35 -17.38 21.28 2.01
C TRP A 35 -17.85 22.30 0.95
N GLY A 36 -17.19 22.26 -0.22
CA GLY A 36 -17.57 23.08 -1.38
C GLY A 36 -18.71 22.45 -2.17
N ASN A 37 -19.04 23.06 -3.31
CA ASN A 37 -20.16 22.63 -4.14
C ASN A 37 -19.60 21.69 -5.24
N GLN A 38 -20.13 20.47 -5.29
CA GLN A 38 -19.74 19.50 -6.34
C GLN A 38 -20.31 19.90 -7.71
N ASP A 39 -21.25 20.85 -7.77
CA ASP A 39 -21.83 21.34 -9.03
C ASP A 39 -20.75 22.01 -9.91
N ASP A 40 -19.62 22.42 -9.32
CA ASP A 40 -18.48 22.94 -10.08
C ASP A 40 -17.85 21.87 -11.00
N TYR A 41 -18.24 20.59 -10.86
CA TYR A 41 -17.58 19.48 -11.57
C TYR A 41 -18.63 18.75 -12.44
N GLN A 42 -18.34 18.58 -13.74
CA GLN A 42 -19.16 17.71 -14.60
C GLN A 42 -18.57 16.30 -14.60
N LEU A 43 -19.34 15.33 -14.09
CA LEU A 43 -18.96 13.90 -14.11
C LEU A 43 -19.02 13.38 -15.55
N VAL A 44 -17.98 12.65 -15.95
CA VAL A 44 -17.79 12.19 -17.31
C VAL A 44 -18.04 10.68 -17.40
N ARG A 45 -17.34 9.89 -16.58
CA ARG A 45 -17.48 8.43 -16.60
C ARG A 45 -17.00 7.85 -15.29
N LYS A 46 -17.49 6.65 -14.97
CA LYS A 46 -17.05 5.93 -13.79
C LYS A 46 -15.67 5.32 -14.07
N LEU A 47 -14.74 5.43 -13.11
CA LEU A 47 -13.40 4.84 -13.21
C LEU A 47 -13.27 3.60 -12.34
N GLY A 48 -14.01 3.54 -11.23
CA GLY A 48 -13.99 2.37 -10.39
C GLY A 48 -14.85 2.54 -9.16
N ARG A 49 -14.77 1.53 -8.30
CA ARG A 49 -15.59 1.43 -7.09
C ARG A 49 -14.75 0.79 -5.98
N GLY A 50 -15.24 0.94 -4.75
CA GLY A 50 -14.70 0.26 -3.60
C GLY A 50 -15.81 -0.05 -2.63
N LYS A 51 -15.43 -0.61 -1.47
CA LYS A 51 -16.39 -0.97 -0.43
C LYS A 51 -17.22 0.26 -0.02
N TYR A 52 -16.58 1.44 0.06
CA TYR A 52 -17.31 2.62 0.56
C TYR A 52 -17.04 3.86 -0.32
N SER A 53 -16.80 3.66 -1.62
CA SER A 53 -16.76 4.80 -2.53
C SER A 53 -16.97 4.35 -3.98
N GLU A 54 -17.29 5.33 -4.83
CA GLU A 54 -17.13 5.15 -6.26
C GLU A 54 -16.46 6.40 -6.82
N VAL A 55 -15.69 6.19 -7.87
CA VAL A 55 -14.85 7.26 -8.36
C VAL A 55 -15.18 7.52 -9.83
N PHE A 56 -15.35 8.82 -10.14
CA PHE A 56 -15.72 9.30 -11.47
C PHE A 56 -14.66 10.26 -12.00
N GLU A 57 -14.31 10.10 -13.28
CA GLU A 57 -13.60 11.13 -14.00
C GLU A 57 -14.55 12.33 -14.12
N ALA A 58 -14.01 13.54 -14.01
CA ALA A 58 -14.78 14.77 -14.11
C ALA A 58 -13.96 15.91 -14.72
N ILE A 59 -14.70 16.90 -15.22
CA ILE A 59 -14.08 18.13 -15.66
C ILE A 59 -14.57 19.23 -14.73
N ASN A 60 -13.64 20.08 -14.26
CA ASN A 60 -13.99 21.26 -13.53
C ASN A 60 -14.47 22.32 -14.54
N ILE A 61 -15.73 22.72 -14.41
CA ILE A 61 -16.42 23.58 -15.39
C ILE A 61 -15.76 24.96 -15.46
N THR A 62 -15.20 25.42 -14.33
CA THR A 62 -14.66 26.79 -14.22
C THR A 62 -13.31 26.92 -14.94
N ASN A 63 -12.46 25.88 -14.89
CA ASN A 63 -11.09 25.98 -15.40
C ASN A 63 -10.73 24.85 -16.37
N ASN A 64 -11.68 23.96 -16.70
CA ASN A 64 -11.46 22.85 -17.67
C ASN A 64 -10.31 21.93 -17.24
N GLU A 65 -10.10 21.77 -15.94
CA GLU A 65 -9.14 20.79 -15.42
C GLU A 65 -9.83 19.42 -15.35
N ARG A 66 -9.15 18.38 -15.86
CA ARG A 66 -9.63 17.03 -15.68
C ARG A 66 -9.18 16.57 -14.29
N VAL A 67 -10.13 16.02 -13.52
CA VAL A 67 -9.91 15.58 -12.12
C VAL A 67 -10.63 14.26 -11.94
N VAL A 68 -10.58 13.75 -10.72
N VAL A 68 -10.51 13.66 -10.75
CA VAL A 68 -11.29 12.61 -10.29
CA VAL A 68 -11.42 12.60 -10.40
C VAL A 68 -12.12 12.98 -9.06
C VAL A 68 -12.15 13.00 -9.11
N VAL A 69 -13.38 12.48 -9.01
CA VAL A 69 -14.28 12.74 -7.90
C VAL A 69 -14.66 11.42 -7.23
N LYS A 70 -14.26 11.28 -5.97
CA LYS A 70 -14.56 10.13 -5.15
C LYS A 70 -15.77 10.43 -4.27
N ILE A 71 -16.93 9.86 -4.63
CA ILE A 71 -18.16 10.01 -3.88
C ILE A 71 -18.17 8.97 -2.76
N LEU A 72 -18.24 9.44 -1.50
CA LEU A 72 -18.10 8.57 -0.34
C LEU A 72 -19.47 7.98 0.02
N LYS A 73 -19.54 6.64 0.10
CA LYS A 73 -20.74 5.91 0.48
C LYS A 73 -20.93 6.05 1.99
N PRO A 74 -22.13 5.77 2.53
CA PRO A 74 -22.42 6.01 3.94
C PRO A 74 -21.39 5.37 4.89
N VAL A 75 -20.74 6.22 5.69
CA VAL A 75 -19.76 5.80 6.69
C VAL A 75 -19.84 6.79 7.85
N LYS A 76 -19.22 6.42 8.97
CA LYS A 76 -19.05 7.32 10.07
C LYS A 76 -18.30 8.55 9.54
N LYS A 77 -18.84 9.74 9.85
CA LYS A 77 -18.16 11.03 9.63
C LYS A 77 -16.70 10.90 10.07
N LYS A 78 -16.45 10.04 11.07
CA LYS A 78 -15.12 9.90 11.67
C LYS A 78 -14.13 9.33 10.64
N LYS A 79 -14.56 8.36 9.83
CA LYS A 79 -13.68 7.75 8.85
C LYS A 79 -13.36 8.77 7.74
N ILE A 80 -14.31 9.64 7.44
CA ILE A 80 -14.13 10.68 6.43
C ILE A 80 -13.10 11.70 6.93
N LYS A 81 -13.28 12.17 8.16
CA LYS A 81 -12.31 13.08 8.75
C LYS A 81 -10.90 12.49 8.74
N ARG A 82 -10.79 11.18 9.03
CA ARG A 82 -9.48 10.56 9.06
C ARG A 82 -8.79 10.65 7.69
N GLU A 83 -9.51 10.29 6.62
CA GLU A 83 -8.92 10.30 5.30
C GLU A 83 -8.55 11.71 4.87
N VAL A 84 -9.45 12.67 5.11
CA VAL A 84 -9.20 14.05 4.76
C VAL A 84 -7.97 14.63 5.50
N LYS A 85 -7.90 14.39 6.83
CA LYS A 85 -6.79 14.92 7.60
C LYS A 85 -5.46 14.30 7.16
N ILE A 86 -5.48 12.99 6.92
CA ILE A 86 -4.30 12.32 6.42
C ILE A 86 -3.86 12.93 5.08
N LEU A 87 -4.81 13.11 4.16
CA LEU A 87 -4.46 13.68 2.84
C LEU A 87 -3.89 15.09 2.98
N GLU A 88 -4.46 15.88 3.91
CA GLU A 88 -3.95 17.23 4.17
C GLU A 88 -2.53 17.18 4.77
N ASN A 89 -2.29 16.26 5.69
CA ASN A 89 -0.97 16.12 6.31
C ASN A 89 0.10 15.69 5.27
N LEU A 90 -0.31 14.94 4.26
CA LEU A 90 0.63 14.39 3.26
C LEU A 90 0.70 15.27 2.01
N ARG A 91 -0.03 16.40 1.97
CA ARG A 91 -0.15 17.09 0.71
C ARG A 91 1.23 17.66 0.32
N GLY A 92 1.54 17.54 -0.97
CA GLY A 92 2.84 17.91 -1.50
C GLY A 92 3.90 16.84 -1.33
N GLY A 93 3.59 15.75 -0.61
CA GLY A 93 4.52 14.69 -0.48
C GLY A 93 4.77 13.97 -1.78
N THR A 94 5.98 13.40 -1.86
CA THR A 94 6.47 12.74 -3.05
C THR A 94 5.58 11.56 -3.39
N ASN A 95 4.95 11.63 -4.56
CA ASN A 95 4.19 10.52 -5.12
C ASN A 95 2.92 10.20 -4.32
N ILE A 96 2.43 11.16 -3.52
CA ILE A 96 1.15 11.04 -2.86
C ILE A 96 0.10 11.73 -3.75
N ILE A 97 -1.03 11.07 -3.94
CA ILE A 97 -2.13 11.67 -4.71
C ILE A 97 -2.49 13.04 -4.10
N LYS A 98 -2.67 14.04 -4.97
CA LYS A 98 -3.01 15.37 -4.53
C LYS A 98 -4.53 15.48 -4.36
N LEU A 99 -4.95 15.80 -3.14
CA LEU A 99 -6.32 16.16 -2.83
C LEU A 99 -6.51 17.63 -3.20
N ILE A 100 -7.42 17.88 -4.12
CA ILE A 100 -7.67 19.22 -4.69
C ILE A 100 -8.77 19.92 -3.89
N ASP A 101 -9.82 19.19 -3.49
CA ASP A 101 -10.93 19.80 -2.74
C ASP A 101 -11.84 18.74 -2.10
N THR A 102 -12.66 19.20 -1.14
CA THR A 102 -13.67 18.43 -0.45
C THR A 102 -15.03 19.07 -0.75
N VAL A 103 -15.96 18.31 -1.35
CA VAL A 103 -17.24 18.85 -1.85
C VAL A 103 -18.43 17.94 -1.53
N LYS A 104 -19.63 18.56 -1.58
CA LYS A 104 -20.89 17.87 -1.41
C LYS A 104 -21.80 18.23 -2.59
N ASP A 105 -22.61 17.25 -3.03
CA ASP A 105 -23.68 17.47 -4.00
C ASP A 105 -24.82 18.16 -3.27
N PRO A 106 -25.31 19.34 -3.74
CA PRO A 106 -26.39 20.05 -3.05
C PRO A 106 -27.70 19.28 -2.77
N VAL A 107 -28.03 18.30 -3.63
CA VAL A 107 -29.32 17.60 -3.55
C VAL A 107 -29.20 16.43 -2.57
N SER A 108 -28.23 15.54 -2.80
CA SER A 108 -28.04 14.34 -1.98
C SER A 108 -27.33 14.67 -0.66
N LYS A 109 -26.53 15.75 -0.65
CA LYS A 109 -25.69 16.15 0.50
C LYS A 109 -24.50 15.19 0.69
N THR A 110 -24.23 14.36 -0.33
CA THR A 110 -23.24 13.30 -0.20
C THR A 110 -21.86 13.93 -0.31
N PRO A 111 -20.93 13.64 0.65
CA PRO A 111 -19.57 14.15 0.58
C PRO A 111 -18.74 13.44 -0.49
N ALA A 112 -17.76 14.16 -1.03
CA ALA A 112 -16.90 13.68 -2.07
C ALA A 112 -15.54 14.38 -1.99
N LEU A 113 -14.48 13.66 -2.42
CA LEU A 113 -13.12 14.19 -2.47
C LEU A 113 -12.71 14.27 -3.94
N VAL A 114 -12.05 15.36 -4.31
CA VAL A 114 -11.61 15.64 -5.65
C VAL A 114 -10.10 15.50 -5.65
N PHE A 115 -9.58 14.65 -6.55
CA PHE A 115 -8.17 14.41 -6.68
C PHE A 115 -7.70 14.80 -8.08
N GLU A 116 -6.39 15.07 -8.19
CA GLU A 116 -5.73 15.14 -9.49
C GLU A 116 -6.00 13.85 -10.28
N TYR A 117 -6.19 14.01 -11.58
CA TYR A 117 -6.36 12.89 -12.50
C TYR A 117 -4.97 12.38 -12.93
N ILE A 118 -4.81 11.06 -12.87
CA ILE A 118 -3.64 10.40 -13.48
C ILE A 118 -4.13 9.58 -14.68
N ASN A 119 -3.41 9.73 -15.80
CA ASN A 119 -3.72 8.96 -17.00
C ASN A 119 -3.14 7.56 -16.83
N ASN A 120 -3.84 6.77 -16.01
CA ASN A 120 -3.40 5.47 -15.52
C ASN A 120 -3.60 4.38 -16.59
N THR A 121 -2.59 3.52 -16.73
CA THR A 121 -2.71 2.25 -17.45
C THR A 121 -3.00 1.13 -16.44
N ASP A 122 -4.11 0.39 -16.67
CA ASP A 122 -4.55 -0.76 -15.85
C ASP A 122 -3.33 -1.64 -15.57
N PHE A 123 -3.06 -1.99 -14.29
CA PHE A 123 -1.87 -2.80 -14.01
C PHE A 123 -1.88 -4.13 -14.77
N LYS A 124 -3.06 -4.67 -15.06
CA LYS A 124 -3.16 -5.95 -15.76
C LYS A 124 -2.66 -5.82 -17.21
N GLN A 125 -2.65 -4.62 -17.76
CA GLN A 125 -2.04 -4.36 -19.07
C GLN A 125 -0.58 -3.88 -18.90
N LEU A 126 -0.33 -3.04 -17.90
CA LEU A 126 0.97 -2.41 -17.75
C LEU A 126 2.03 -3.43 -17.32
N TYR A 127 1.74 -4.24 -16.31
CA TYR A 127 2.80 -4.99 -15.65
C TYR A 127 3.43 -5.92 -16.68
N GLN A 128 2.64 -6.45 -17.61
CA GLN A 128 3.18 -7.41 -18.57
C GLN A 128 4.05 -6.77 -19.66
N ILE A 129 4.11 -5.43 -19.78
CA ILE A 129 5.04 -4.77 -20.72
C ILE A 129 6.24 -4.11 -20.02
N LEU A 130 6.27 -4.11 -18.67
CA LEU A 130 7.39 -3.48 -17.98
C LEU A 130 8.69 -4.28 -18.20
N THR A 131 9.76 -3.52 -18.45
CA THR A 131 11.13 -4.04 -18.46
C THR A 131 11.67 -4.17 -17.02
N ASP A 132 12.80 -4.84 -16.88
CA ASP A 132 13.53 -4.93 -15.63
C ASP A 132 13.71 -3.53 -15.03
N PHE A 133 14.25 -2.61 -15.82
CA PHE A 133 14.48 -1.26 -15.34
C PHE A 133 13.16 -0.59 -14.93
N ASP A 134 12.10 -0.76 -15.72
CA ASP A 134 10.81 -0.12 -15.44
C ASP A 134 10.31 -0.59 -14.07
N ILE A 135 10.46 -1.87 -13.75
CA ILE A 135 9.96 -2.37 -12.46
C ILE A 135 10.77 -1.72 -11.33
N ARG A 136 12.10 -1.69 -11.48
CA ARG A 136 12.95 -1.02 -10.49
C ARG A 136 12.52 0.44 -10.31
N PHE A 137 12.26 1.11 -11.43
CA PHE A 137 11.94 2.53 -11.40
C PHE A 137 10.63 2.78 -10.64
N TYR A 138 9.58 2.03 -11.00
CA TYR A 138 8.29 2.29 -10.39
C TYR A 138 8.27 1.83 -8.93
N MET A 139 8.95 0.74 -8.61
CA MET A 139 9.02 0.32 -7.22
C MET A 139 9.76 1.38 -6.38
N TYR A 140 10.78 2.02 -6.95
CA TYR A 140 11.50 3.08 -6.25
C TYR A 140 10.57 4.28 -5.99
N GLU A 141 9.75 4.62 -6.98
CA GLU A 141 8.79 5.69 -6.84
C GLU A 141 7.79 5.37 -5.74
N LEU A 142 7.30 4.12 -5.70
CA LEU A 142 6.34 3.74 -4.67
C LEU A 142 7.00 3.79 -3.27
N LEU A 143 8.26 3.37 -3.19
CA LEU A 143 9.01 3.46 -1.92
C LEU A 143 9.16 4.92 -1.44
N LYS A 144 9.35 5.86 -2.36
CA LYS A 144 9.41 7.25 -1.98
C LYS A 144 8.10 7.65 -1.31
N ALA A 145 6.96 7.20 -1.86
CA ALA A 145 5.66 7.54 -1.26
C ALA A 145 5.55 6.95 0.14
N LEU A 146 5.96 5.68 0.31
CA LEU A 146 5.84 5.02 1.60
C LEU A 146 6.80 5.61 2.62
N ASP A 147 8.05 5.87 2.23
CA ASP A 147 8.96 6.51 3.19
C ASP A 147 8.39 7.87 3.61
N TYR A 148 7.79 8.60 2.68
CA TYR A 148 7.21 9.88 3.02
C TYR A 148 6.07 9.70 4.02
N CYS A 149 5.07 8.88 3.69
CA CYS A 149 3.95 8.79 4.61
C CYS A 149 4.38 8.23 5.96
N HIS A 150 5.27 7.24 5.98
CA HIS A 150 5.75 6.70 7.25
C HIS A 150 6.45 7.80 8.07
N SER A 151 7.26 8.61 7.41
CA SER A 151 7.96 9.73 8.08
C SER A 151 6.98 10.72 8.67
N LYS A 152 5.79 10.80 8.06
CA LYS A 152 4.71 11.65 8.52
C LYS A 152 3.78 10.93 9.50
N GLY A 153 4.22 9.79 10.01
CA GLY A 153 3.49 9.11 11.07
C GLY A 153 2.27 8.33 10.62
N ILE A 154 2.20 7.97 9.33
CA ILE A 154 0.99 7.38 8.73
C ILE A 154 1.33 6.05 8.09
N MET A 155 0.50 5.03 8.37
CA MET A 155 0.54 3.72 7.71
C MET A 155 -0.57 3.73 6.64
N HIS A 156 -0.26 3.30 5.42
CA HIS A 156 -1.28 3.30 4.36
C HIS A 156 -2.29 2.16 4.57
N ARG A 157 -1.78 0.95 4.79
CA ARG A 157 -2.57 -0.22 5.15
C ARG A 157 -3.41 -0.77 4.00
N ASP A 158 -3.14 -0.35 2.77
CA ASP A 158 -3.89 -0.94 1.61
C ASP A 158 -3.04 -0.84 0.34
N VAL A 159 -1.75 -1.12 0.48
CA VAL A 159 -0.85 -1.11 -0.68
C VAL A 159 -1.17 -2.34 -1.54
N LYS A 160 -1.45 -2.07 -2.81
CA LYS A 160 -1.74 -3.10 -3.79
C LYS A 160 -1.74 -2.43 -5.16
N PRO A 161 -1.56 -3.18 -6.28
CA PRO A 161 -1.52 -2.53 -7.61
C PRO A 161 -2.69 -1.59 -7.92
N HIS A 162 -3.87 -1.96 -7.47
CA HIS A 162 -5.12 -1.17 -7.70
C HIS A 162 -5.01 0.24 -7.10
N ASN A 163 -4.12 0.41 -6.12
CA ASN A 163 -3.97 1.66 -5.41
C ASN A 163 -2.71 2.43 -5.80
N VAL A 164 -2.11 2.04 -6.93
CA VAL A 164 -0.95 2.70 -7.46
C VAL A 164 -1.26 3.09 -8.90
N MET A 165 -1.45 4.38 -9.09
CA MET A 165 -1.76 4.96 -10.39
C MET A 165 -0.44 5.30 -11.08
N ILE A 166 -0.30 4.87 -12.34
CA ILE A 166 0.91 5.10 -13.11
C ILE A 166 0.52 5.66 -14.49
N ASP A 167 1.07 6.84 -14.80
CA ASP A 167 1.08 7.38 -16.15
C ASP A 167 2.42 6.98 -16.77
N HIS A 168 2.39 5.99 -17.66
CA HIS A 168 3.59 5.36 -18.20
C HIS A 168 4.24 6.23 -19.28
N GLN A 169 3.57 7.29 -19.73
CA GLN A 169 4.20 8.25 -20.64
C GLN A 169 4.99 9.29 -19.83
N GLN A 170 4.33 9.86 -18.82
CA GLN A 170 4.93 10.90 -17.97
C GLN A 170 5.88 10.31 -16.93
N LYS A 171 5.82 8.99 -16.72
CA LYS A 171 6.61 8.29 -15.71
C LYS A 171 6.25 8.84 -14.32
N LYS A 172 4.95 9.02 -14.11
CA LYS A 172 4.46 9.60 -12.87
C LYS A 172 3.62 8.55 -12.13
N LEU A 173 3.92 8.35 -10.85
CA LEU A 173 3.29 7.37 -10.02
C LEU A 173 2.65 8.08 -8.82
N ARG A 174 1.43 7.67 -8.47
CA ARG A 174 0.78 8.17 -7.27
C ARG A 174 0.17 7.02 -6.47
N LEU A 175 0.41 7.06 -5.15
CA LEU A 175 -0.25 6.14 -4.24
C LEU A 175 -1.59 6.77 -3.86
N ILE A 176 -2.68 6.04 -4.09
CA ILE A 176 -4.05 6.51 -3.88
C ILE A 176 -4.76 5.69 -2.80
N ASP A 177 -6.04 6.02 -2.56
CA ASP A 177 -6.99 5.39 -1.65
C ASP A 177 -6.40 5.26 -0.24
N TRP A 178 -6.43 6.41 0.42
CA TRP A 178 -5.98 6.58 1.79
C TRP A 178 -7.11 6.33 2.80
N GLY A 179 -8.21 5.67 2.36
CA GLY A 179 -9.34 5.42 3.22
C GLY A 179 -9.10 4.44 4.35
N LEU A 180 -8.08 3.58 4.24
CA LEU A 180 -7.74 2.68 5.34
C LEU A 180 -6.51 3.19 6.12
N ALA A 181 -5.93 4.34 5.73
CA ALA A 181 -4.68 4.79 6.34
C ALA A 181 -4.96 5.20 7.80
N GLU A 182 -3.92 5.12 8.62
CA GLU A 182 -4.06 5.40 10.04
C GLU A 182 -2.76 6.00 10.56
N PHE A 183 -2.89 6.77 11.64
CA PHE A 183 -1.75 7.31 12.39
C PHE A 183 -1.13 6.22 13.26
N TYR A 184 0.20 6.13 13.19
CA TYR A 184 0.94 5.20 14.03
C TYR A 184 1.24 5.85 15.38
N HIS A 185 0.86 5.14 16.45
CA HIS A 185 1.16 5.49 17.83
C HIS A 185 1.76 4.27 18.50
N PRO A 186 2.97 4.36 19.07
CA PRO A 186 3.60 3.18 19.66
C PRO A 186 2.71 2.51 20.72
N ALA A 187 2.67 1.17 20.64
CA ALA A 187 1.92 0.28 21.52
C ALA A 187 0.42 0.28 21.25
N GLN A 188 -0.06 1.04 20.25
CA GLN A 188 -1.46 1.03 19.93
C GLN A 188 -1.79 -0.30 19.26
N GLU A 189 -2.93 -0.87 19.64
CA GLU A 189 -3.45 -2.05 18.99
C GLU A 189 -4.45 -1.60 17.92
N TYR A 190 -4.23 -2.08 16.70
CA TYR A 190 -5.00 -1.72 15.54
C TYR A 190 -5.85 -2.91 15.09
N ASN A 191 -6.95 -2.59 14.40
CA ASN A 191 -7.81 -3.60 13.78
C ASN A 191 -7.05 -4.28 12.64
N VAL A 192 -7.12 -5.61 12.57
CA VAL A 192 -6.39 -6.36 11.54
C VAL A 192 -7.19 -6.49 10.25
N ARG A 193 -8.41 -5.98 10.20
CA ARG A 193 -9.22 -6.10 9.00
C ARG A 193 -8.90 -4.91 8.07
N VAL A 194 -7.67 -4.94 7.59
CA VAL A 194 -7.12 -3.96 6.67
C VAL A 194 -6.42 -4.70 5.54
N ALA A 195 -5.99 -3.92 4.56
CA ALA A 195 -5.39 -4.40 3.36
C ALA A 195 -6.39 -5.26 2.61
N SER A 196 -5.96 -5.75 1.46
CA SER A 196 -6.70 -6.62 0.59
C SER A 196 -6.06 -8.01 0.68
N ARG A 197 -6.87 -9.08 0.66
CA ARG A 197 -6.41 -10.45 1.03
C ARG A 197 -4.99 -10.80 0.54
N TYR A 198 -4.72 -10.62 -0.74
CA TYR A 198 -3.45 -11.14 -1.31
C TYR A 198 -2.23 -10.35 -0.80
N PHE A 199 -2.49 -9.20 -0.18
CA PHE A 199 -1.45 -8.25 0.28
C PHE A 199 -1.42 -8.12 1.79
N LYS A 200 -2.20 -8.94 2.50
CA LYS A 200 -2.23 -8.88 3.94
C LYS A 200 -0.96 -9.52 4.49
N GLY A 201 -0.30 -8.82 5.42
CA GLY A 201 0.87 -9.37 6.07
C GLY A 201 0.48 -10.48 7.03
N PRO A 202 1.43 -11.36 7.34
CA PRO A 202 1.17 -12.46 8.28
C PRO A 202 0.62 -11.95 9.62
N GLU A 203 1.10 -10.80 10.10
CA GLU A 203 0.59 -10.19 11.34
C GLU A 203 -0.95 -10.09 11.30
N LEU A 204 -1.51 -9.65 10.19
CA LEU A 204 -2.97 -9.51 10.08
C LEU A 204 -3.61 -10.88 10.15
N LEU A 205 -2.98 -11.86 9.48
CA LEU A 205 -3.60 -13.17 9.29
C LEU A 205 -3.60 -13.98 10.57
N VAL A 206 -2.70 -13.66 11.49
CA VAL A 206 -2.63 -14.33 12.81
C VAL A 206 -3.18 -13.43 13.93
N ASP A 207 -3.83 -12.32 13.57
CA ASP A 207 -4.55 -11.46 14.51
C ASP A 207 -3.59 -10.78 15.51
N TYR A 208 -2.41 -10.35 15.04
CA TYR A 208 -1.51 -9.59 15.84
C TYR A 208 -1.75 -8.09 15.59
N GLN A 209 -2.20 -7.39 16.63
CA GLN A 209 -2.76 -6.01 16.47
C GLN A 209 -1.70 -4.91 16.60
N MET A 210 -0.53 -5.23 17.20
CA MET A 210 0.47 -4.20 17.51
C MET A 210 1.44 -4.06 16.32
N TYR A 211 0.87 -3.81 15.14
CA TYR A 211 1.63 -3.72 13.93
C TYR A 211 1.99 -2.25 13.65
N ASP A 212 2.74 -2.03 12.57
CA ASP A 212 3.24 -0.67 12.28
C ASP A 212 3.43 -0.51 10.76
N TYR A 213 4.19 0.53 10.39
CA TYR A 213 4.52 0.83 9.01
C TYR A 213 5.02 -0.39 8.21
N SER A 214 5.66 -1.34 8.91
CA SER A 214 6.22 -2.50 8.26
C SER A 214 5.15 -3.34 7.57
N LEU A 215 3.88 -3.20 7.93
CA LEU A 215 2.80 -3.88 7.20
C LEU A 215 2.84 -3.51 5.70
N ASP A 216 3.08 -2.21 5.44
CA ASP A 216 3.10 -1.71 4.05
C ASP A 216 4.25 -2.35 3.27
N MET A 217 5.34 -2.67 3.97
CA MET A 217 6.51 -3.24 3.34
C MET A 217 6.29 -4.70 2.96
N TRP A 218 5.48 -5.44 3.73
CA TRP A 218 5.00 -6.74 3.28
C TRP A 218 4.24 -6.60 1.95
N SER A 219 3.24 -5.71 1.93
CA SER A 219 2.43 -5.52 0.77
C SER A 219 3.26 -5.16 -0.45
N LEU A 220 4.22 -4.26 -0.25
CA LEU A 220 5.13 -3.88 -1.34
C LEU A 220 5.93 -5.10 -1.82
N GLY A 221 6.43 -5.94 -0.91
CA GLY A 221 7.13 -7.15 -1.32
C GLY A 221 6.25 -8.06 -2.16
N CYS A 222 4.97 -8.17 -1.80
CA CYS A 222 4.02 -8.96 -2.60
C CYS A 222 3.90 -8.43 -4.01
N MET A 223 3.84 -7.10 -4.13
CA MET A 223 3.80 -6.46 -5.46
C MET A 223 5.09 -6.75 -6.25
N LEU A 224 6.25 -6.58 -5.59
CA LEU A 224 7.51 -6.85 -6.26
C LEU A 224 7.54 -8.29 -6.78
N ALA A 225 7.19 -9.25 -5.93
CA ALA A 225 7.22 -10.64 -6.33
C ALA A 225 6.33 -10.85 -7.55
N SER A 226 5.11 -10.29 -7.57
CA SER A 226 4.23 -10.47 -8.73
C SER A 226 4.82 -9.86 -10.00
N MET A 227 5.55 -8.74 -9.87
CA MET A 227 6.08 -8.02 -11.02
C MET A 227 7.28 -8.77 -11.61
N ILE A 228 8.21 -9.21 -10.77
CA ILE A 228 9.40 -9.88 -11.34
C ILE A 228 9.10 -11.32 -11.73
N PHE A 229 8.16 -11.99 -11.07
CA PHE A 229 7.91 -13.40 -11.42
C PHE A 229 6.72 -13.58 -12.37
N ARG A 230 5.88 -12.57 -12.49
CA ARG A 230 4.71 -12.55 -13.40
C ARG A 230 3.60 -13.46 -12.91
N ARG A 231 3.62 -13.84 -11.62
CA ARG A 231 2.55 -14.58 -10.98
C ARG A 231 1.77 -13.58 -10.15
N GLU A 232 0.58 -13.19 -10.66
CA GLU A 232 -0.18 -12.09 -10.08
C GLU A 232 -1.60 -12.58 -9.77
N PRO A 233 -2.02 -12.47 -8.51
CA PRO A 233 -1.20 -12.12 -7.36
C PRO A 233 -0.22 -13.24 -7.03
N PHE A 234 0.82 -12.89 -6.27
CA PHE A 234 1.85 -13.86 -5.98
C PHE A 234 1.38 -14.93 -5.00
N PHE A 235 0.75 -14.51 -3.92
CA PHE A 235 0.19 -15.38 -2.91
C PHE A 235 -1.33 -15.35 -3.05
N HIS A 236 -1.90 -16.38 -3.67
CA HIS A 236 -3.30 -16.35 -4.13
C HIS A 236 -4.20 -17.18 -3.20
N GLY A 237 -4.44 -16.67 -2.00
CA GLY A 237 -5.29 -17.36 -1.04
C GLY A 237 -6.75 -17.34 -1.47
N GLN A 238 -7.47 -18.44 -1.18
CA GLN A 238 -8.91 -18.55 -1.41
C GLN A 238 -9.73 -17.81 -0.35
N ASP A 239 -9.12 -17.63 0.83
CA ASP A 239 -9.69 -16.94 1.98
C ASP A 239 -8.54 -16.57 2.92
N ASN A 240 -8.81 -15.96 4.08
CA ASN A 240 -7.72 -15.45 4.92
C ASN A 240 -6.89 -16.59 5.54
N TYR A 241 -7.55 -17.74 5.79
CA TYR A 241 -6.82 -18.86 6.33
C TYR A 241 -5.88 -19.41 5.27
N ASP A 242 -6.42 -19.63 4.07
CA ASP A 242 -5.63 -20.17 2.98
C ASP A 242 -4.51 -19.19 2.61
N GLN A 243 -4.76 -17.89 2.79
CA GLN A 243 -3.70 -16.88 2.50
C GLN A 243 -2.43 -17.20 3.30
N LEU A 244 -2.56 -17.52 4.57
CA LEU A 244 -1.38 -17.80 5.35
C LEU A 244 -0.74 -19.13 4.90
N VAL A 245 -1.55 -20.10 4.50
CA VAL A 245 -1.00 -21.36 4.01
C VAL A 245 -0.18 -21.09 2.75
N ARG A 246 -0.69 -20.25 1.86
CA ARG A 246 0.07 -19.94 0.62
C ARG A 246 1.40 -19.28 0.95
N ILE A 247 1.42 -18.41 1.97
CA ILE A 247 2.67 -17.79 2.39
C ILE A 247 3.63 -18.82 2.96
N ALA A 248 3.10 -19.72 3.81
CA ALA A 248 3.91 -20.72 4.48
C ALA A 248 4.52 -21.72 3.49
N LYS A 249 3.89 -21.92 2.32
CA LYS A 249 4.44 -22.82 1.32
C LYS A 249 5.72 -22.25 0.72
N VAL A 250 5.93 -20.95 0.88
CA VAL A 250 7.11 -20.27 0.37
C VAL A 250 8.12 -19.98 1.49
N LEU A 251 7.64 -19.34 2.57
CA LEU A 251 8.52 -18.90 3.64
C LEU A 251 8.80 -20.03 4.64
N GLY A 252 8.02 -21.12 4.59
CA GLY A 252 8.23 -22.27 5.45
C GLY A 252 7.48 -22.16 6.75
N THR A 253 7.21 -23.31 7.38
CA THR A 253 6.44 -23.31 8.60
C THR A 253 7.30 -23.09 9.84
N GLU A 254 8.56 -23.53 9.86
CA GLU A 254 9.42 -23.38 11.06
C GLU A 254 9.55 -21.90 11.45
N GLU A 255 9.74 -21.05 10.43
N GLU A 255 9.78 -21.01 10.46
CA GLU A 255 9.96 -19.63 10.61
CA GLU A 255 9.98 -19.59 10.75
C GLU A 255 8.66 -19.00 11.10
C GLU A 255 8.63 -18.98 11.15
N LEU A 256 7.52 -19.55 10.67
CA LEU A 256 6.19 -19.08 11.11
C LEU A 256 6.04 -19.35 12.61
N TYR A 257 6.29 -20.60 12.99
CA TYR A 257 6.14 -20.96 14.40
C TYR A 257 7.11 -20.14 15.27
N GLY A 258 8.32 -19.87 14.76
CA GLY A 258 9.31 -19.02 15.43
C GLY A 258 8.77 -17.62 15.69
N TYR A 259 8.11 -17.08 14.68
CA TYR A 259 7.54 -15.73 14.75
C TYR A 259 6.45 -15.67 15.82
N LEU A 260 5.57 -16.67 15.80
CA LEU A 260 4.45 -16.71 16.74
C LEU A 260 4.99 -16.81 18.16
N LYS A 261 6.06 -17.60 18.38
CA LYS A 261 6.61 -17.77 19.72
C LYS A 261 7.24 -16.46 20.18
N LYS A 262 7.97 -15.80 19.27
CA LYS A 262 8.66 -14.56 19.60
C LYS A 262 7.66 -13.53 20.16
N TYR A 263 6.48 -13.41 19.52
CA TYR A 263 5.54 -12.33 19.88
C TYR A 263 4.40 -12.84 20.76
N HIS A 264 4.50 -14.11 21.19
CA HIS A 264 3.51 -14.74 22.07
C HIS A 264 2.12 -14.69 21.42
N ILE A 265 2.07 -15.06 20.14
CA ILE A 265 0.83 -15.04 19.36
C ILE A 265 0.22 -16.44 19.42
N ASP A 266 -1.04 -16.50 19.84
CA ASP A 266 -1.79 -17.74 19.84
C ASP A 266 -2.39 -17.94 18.46
N LEU A 267 -2.09 -19.09 17.87
CA LEU A 267 -2.53 -19.40 16.53
C LEU A 267 -3.91 -20.02 16.58
N ASP A 268 -4.84 -19.43 15.82
CA ASP A 268 -6.19 -19.96 15.65
C ASP A 268 -6.07 -21.46 15.34
N PRO A 269 -6.70 -22.37 16.11
CA PRO A 269 -6.50 -23.81 15.92
C PRO A 269 -6.99 -24.33 14.56
N HIS A 270 -7.79 -23.55 13.83
CA HIS A 270 -8.18 -23.94 12.48
C HIS A 270 -6.95 -24.06 11.57
N PHE A 271 -5.84 -23.40 11.92
CA PHE A 271 -4.58 -23.52 11.16
C PHE A 271 -3.91 -24.88 11.39
N ASN A 272 -4.24 -25.58 12.50
CA ASN A 272 -3.53 -26.80 12.90
C ASN A 272 -3.63 -27.87 11.79
N ASP A 273 -4.76 -27.91 11.08
CA ASP A 273 -5.07 -28.96 10.13
C ASP A 273 -4.81 -28.54 8.67
N ILE A 274 -4.42 -27.28 8.41
CA ILE A 274 -4.25 -26.81 7.02
C ILE A 274 -2.84 -26.31 6.76
N LEU A 275 -2.07 -25.89 7.78
CA LEU A 275 -0.73 -25.33 7.53
C LEU A 275 0.25 -26.41 7.07
N GLY A 276 0.20 -27.59 7.71
CA GLY A 276 1.16 -28.65 7.45
C GLY A 276 2.57 -28.26 7.84
N GLN A 277 3.52 -28.82 7.09
CA GLN A 277 4.93 -28.66 7.32
C GLN A 277 5.55 -28.35 5.97
N HIS A 278 6.19 -27.18 5.86
CA HIS A 278 6.75 -26.73 4.57
C HIS A 278 8.16 -26.21 4.80
N SER A 279 9.06 -26.59 3.88
CA SER A 279 10.39 -26.04 3.85
C SER A 279 10.33 -24.55 3.48
N ARG A 280 11.32 -23.79 3.91
CA ARG A 280 11.56 -22.44 3.36
C ARG A 280 12.17 -22.61 1.96
N LYS A 281 11.56 -21.97 0.94
CA LYS A 281 11.97 -22.19 -0.42
C LYS A 281 13.06 -21.22 -0.87
N ARG A 282 13.81 -21.68 -1.89
CA ARG A 282 14.66 -20.78 -2.68
C ARG A 282 13.78 -19.90 -3.57
N TRP A 283 14.02 -18.59 -3.53
CA TRP A 283 13.31 -17.67 -4.41
C TRP A 283 13.59 -17.97 -5.89
N GLU A 284 14.75 -18.57 -6.17
CA GLU A 284 15.10 -18.99 -7.56
C GLU A 284 14.08 -19.97 -8.13
N ASN A 285 13.31 -20.64 -7.26
CA ASN A 285 12.33 -21.65 -7.70
C ASN A 285 11.25 -21.04 -8.59
N PHE A 286 11.06 -19.72 -8.47
CA PHE A 286 9.98 -19.06 -9.18
C PHE A 286 10.41 -18.56 -10.56
N ILE A 287 11.69 -18.72 -10.88
CA ILE A 287 12.23 -18.28 -12.17
C ILE A 287 11.86 -19.28 -13.25
N HIS A 288 11.45 -18.77 -14.40
CA HIS A 288 11.26 -19.61 -15.60
C HIS A 288 11.57 -18.78 -16.85
N SER A 289 11.48 -19.40 -18.04
CA SER A 289 11.90 -18.72 -19.23
C SER A 289 11.14 -17.40 -19.47
N GLU A 290 9.90 -17.27 -19.03
CA GLU A 290 9.12 -16.07 -19.37
C GLU A 290 9.35 -14.93 -18.36
N ASN A 291 10.04 -15.17 -17.24
CA ASN A 291 10.29 -14.08 -16.29
C ASN A 291 11.79 -13.87 -16.02
N ARG A 292 12.65 -14.69 -16.62
N ARG A 292 12.68 -14.67 -16.62
CA ARG A 292 14.06 -14.73 -16.27
CA ARG A 292 14.08 -14.69 -16.17
C ARG A 292 14.68 -13.33 -16.43
C ARG A 292 14.71 -13.32 -16.43
N HIS A 293 14.24 -12.60 -17.45
CA HIS A 293 14.79 -11.28 -17.77
C HIS A 293 14.45 -10.20 -16.73
N LEU A 294 13.53 -10.48 -15.83
CA LEU A 294 13.11 -9.53 -14.81
C LEU A 294 13.75 -9.84 -13.44
N VAL A 295 14.43 -10.98 -13.34
CA VAL A 295 14.94 -11.46 -12.08
C VAL A 295 16.47 -11.29 -12.11
N SER A 296 16.99 -10.88 -10.97
CA SER A 296 18.43 -10.69 -10.75
C SER A 296 18.75 -11.16 -9.34
N PRO A 297 20.03 -11.44 -9.01
CA PRO A 297 20.37 -11.78 -7.63
C PRO A 297 19.93 -10.67 -6.67
N GLU A 298 20.02 -9.43 -7.13
CA GLU A 298 19.66 -8.30 -6.27
C GLU A 298 18.16 -8.28 -5.99
N ALA A 299 17.35 -8.59 -7.00
CA ALA A 299 15.90 -8.60 -6.80
C ALA A 299 15.55 -9.67 -5.75
N LEU A 300 16.22 -10.84 -5.86
CA LEU A 300 15.90 -11.95 -4.96
C LEU A 300 16.34 -11.61 -3.53
N ASP A 301 17.50 -10.97 -3.38
CA ASP A 301 17.96 -10.55 -2.07
C ASP A 301 16.98 -9.54 -1.46
N LEU A 302 16.50 -8.57 -2.24
CA LEU A 302 15.53 -7.60 -1.72
C LEU A 302 14.25 -8.31 -1.31
N LEU A 303 13.74 -9.17 -2.16
CA LEU A 303 12.51 -9.87 -1.84
C LEU A 303 12.65 -10.65 -0.53
N ASP A 304 13.79 -11.32 -0.34
CA ASP A 304 14.04 -12.12 0.83
C ASP A 304 14.01 -11.26 2.11
N LYS A 305 14.38 -9.97 1.98
CA LYS A 305 14.48 -9.03 3.10
C LYS A 305 13.19 -8.26 3.32
N LEU A 306 12.23 -8.31 2.37
CA LEU A 306 10.89 -7.72 2.56
C LEU A 306 9.88 -8.76 3.03
N LEU A 307 9.84 -9.91 2.38
CA LEU A 307 8.83 -10.93 2.67
C LEU A 307 9.36 -11.83 3.79
N ARG A 308 9.30 -11.27 5.00
CA ARG A 308 9.67 -11.97 6.23
C ARG A 308 8.46 -11.97 7.15
N TYR A 309 8.22 -13.09 7.84
CA TYR A 309 7.16 -13.11 8.82
C TYR A 309 7.32 -12.02 9.86
N ASP A 310 8.56 -11.87 10.38
CA ASP A 310 8.81 -10.96 11.48
C ASP A 310 8.81 -9.52 10.95
N HIS A 311 7.72 -8.81 11.23
CA HIS A 311 7.54 -7.46 10.74
C HIS A 311 8.71 -6.55 11.13
N GLN A 312 9.27 -6.78 12.32
CA GLN A 312 10.34 -5.92 12.82
C GLN A 312 11.63 -6.15 12.00
N GLN A 313 11.75 -7.28 11.32
CA GLN A 313 12.98 -7.64 10.60
C GLN A 313 12.92 -7.16 9.14
N ARG A 314 11.72 -6.86 8.65
CA ARG A 314 11.60 -6.38 7.28
C ARG A 314 12.38 -5.07 7.09
N LEU A 315 12.91 -4.84 5.89
CA LEU A 315 13.47 -3.54 5.59
C LEU A 315 12.42 -2.45 5.76
N THR A 316 12.87 -1.31 6.24
CA THR A 316 12.11 -0.09 6.18
C THR A 316 12.06 0.43 4.74
N ALA A 317 11.15 1.35 4.44
CA ALA A 317 11.10 1.91 3.10
C ALA A 317 12.43 2.54 2.68
N LYS A 318 13.08 3.27 3.60
CA LYS A 318 14.37 3.88 3.30
C LYS A 318 15.46 2.82 3.11
N GLU A 319 15.50 1.79 3.94
CA GLU A 319 16.49 0.71 3.77
C GLU A 319 16.30 0.04 2.41
N ALA A 320 15.05 -0.17 2.02
CA ALA A 320 14.79 -0.76 0.75
C ALA A 320 15.28 0.14 -0.38
N MET A 321 15.05 1.45 -0.28
CA MET A 321 15.51 2.39 -1.30
C MET A 321 17.03 2.31 -1.46
N GLU A 322 17.73 1.99 -0.37
CA GLU A 322 19.21 1.92 -0.36
C GLU A 322 19.76 0.56 -0.85
N HIS A 323 18.85 -0.37 -1.21
CA HIS A 323 19.26 -1.69 -1.61
C HIS A 323 19.88 -1.67 -3.01
N PRO A 324 20.87 -2.54 -3.30
CA PRO A 324 21.45 -2.62 -4.63
C PRO A 324 20.51 -2.80 -5.81
N TYR A 325 19.35 -3.43 -5.58
CA TYR A 325 18.38 -3.59 -6.65
C TYR A 325 18.08 -2.24 -7.32
N PHE A 326 18.10 -1.14 -6.53
CA PHE A 326 17.76 0.17 -7.07
C PHE A 326 18.97 0.98 -7.55
N TYR A 327 20.18 0.42 -7.48
CA TYR A 327 21.35 1.19 -7.96
C TYR A 327 21.10 1.71 -9.38
N PRO A 328 20.56 0.91 -10.35
CA PRO A 328 20.35 1.42 -11.71
C PRO A 328 19.42 2.63 -11.79
N VAL A 329 18.46 2.71 -10.87
CA VAL A 329 17.49 3.78 -10.85
C VAL A 329 18.15 5.03 -10.31
N VAL A 330 18.88 4.87 -9.20
CA VAL A 330 19.55 5.99 -8.58
C VAL A 330 20.54 6.59 -9.59
N LYS A 331 21.28 5.75 -10.32
CA LYS A 331 22.28 6.20 -11.34
C LYS A 331 21.63 6.98 -12.49
N GLU A 332 20.46 6.53 -12.95
CA GLU A 332 19.73 7.08 -14.11
C GLU A 332 19.04 8.42 -13.76
N GLN A 333 18.96 8.77 -12.48
CA GLN A 333 18.32 10.02 -12.08
C GLN A 333 19.12 11.25 -12.54
N SER A 334 20.37 11.06 -12.99
CA SER A 334 21.16 12.09 -13.67
C SER A 334 21.13 11.82 -15.18
N GLN A 335 20.34 12.62 -15.92
CA GLN A 335 20.00 12.37 -17.34
C GLN A 335 21.23 12.61 -18.21
N PRO A 336 21.30 11.99 -19.42
CA PRO A 336 22.47 12.13 -20.29
C PRO A 336 22.62 13.58 -20.76
#